data_6T4A
#
_entry.id   6T4A
#
_cell.length_a   70.149
_cell.length_b   71.260
_cell.length_c   72.496
_cell.angle_alpha   90.000
_cell.angle_beta   100.585
_cell.angle_gamma   90.000
#
_symmetry.space_group_name_H-M   'C 1 2 1'
#
loop_
_entity.id
_entity.type
_entity.pdbx_description
1 polymer Prothrombin
2 polymer Prothrombin
3 polymer 'Hirudin variant-2'
4 non-polymer 2-acetamido-2-deoxy-beta-D-glucopyranose
5 non-polymer (2~{S})-1-[(2~{R})-2-azanyl-3-phenyl-propanoyl]-~{N}-[(6-azanylpyridin-3-yl)methyl]pyrrolidine-2-carboxamide
6 non-polymer 'PHOSPHATE ION'
7 non-polymer GLYCEROL
8 non-polymer 'SODIUM ION'
9 water water
#
loop_
_entity_poly.entity_id
_entity_poly.type
_entity_poly.pdbx_seq_one_letter_code
_entity_poly.pdbx_strand_id
1 'polypeptide(L)' TFGSGEADCGLRPLFEKKSLEDKTERELLESYIDGR L
2 'polypeptide(L)'
;IVEGSDAEIGMSPWQVMLFRKSPQELLCGASLISDRWVLTAAHCLLYPPWDKNFTENDLLVRIGKHSRTRYERNIEKISM
LEKIYIHPRYNWRENLDRDIALMKLKKPVAFSDYIHPVCLPDRETAASLLQAGYKGRVTGWGNLKETWTANVGKGQPSVL
QVVNLPIVERPVCKDSTRIRITDNMFCAGYKPDEGKRGDACEGDSGGPFVMKSPFNNRWYQMGIVSWGEGCDRDGKYGFY
THVFRLKKWIQKVIDQFGE
;
H
3 'polypeptide(L)' DFEEIPEE(TYS)LQ I
#
# COMPACT_ATOMS: atom_id res chain seq x y z
N GLU A 6 9.41 -4.73 -13.76
CA GLU A 6 10.89 -4.76 -13.81
C GLU A 6 11.41 -6.16 -13.52
N ALA A 7 12.42 -6.59 -14.28
CA ALA A 7 13.01 -7.91 -14.05
C ALA A 7 13.50 -8.07 -12.61
N ASP A 8 13.84 -6.98 -11.95
CA ASP A 8 14.38 -6.99 -10.60
C ASP A 8 13.32 -6.65 -9.55
N CYS A 9 12.06 -6.61 -9.93
CA CYS A 9 11.04 -6.16 -8.98
C CYS A 9 11.01 -7.08 -7.77
N GLY A 10 10.65 -6.50 -6.63
CA GLY A 10 10.35 -7.28 -5.45
C GLY A 10 11.54 -7.88 -4.74
N LEU A 11 12.75 -7.52 -5.13
CA LEU A 11 13.98 -7.99 -4.50
C LEU A 11 14.62 -6.77 -3.84
N ARG A 12 14.61 -6.72 -2.52
CA ARG A 12 15.03 -5.50 -1.82
C ARG A 12 16.56 -5.41 -1.75
N PRO A 13 17.14 -4.25 -2.08
CA PRO A 13 18.60 -4.10 -1.99
C PRO A 13 19.19 -4.47 -0.65
N LEU A 14 18.51 -4.16 0.46
CA LEU A 14 19.10 -4.38 1.78
C LEU A 14 18.71 -5.72 2.38
N PHE A 15 17.93 -6.52 1.66
CA PHE A 15 17.46 -7.82 2.15
C PHE A 15 17.74 -8.89 1.11
N GLU A 16 16.81 -9.18 0.21
CA GLU A 16 17.01 -10.29 -0.74
C GLU A 16 18.29 -10.14 -1.51
N LYS A 17 18.64 -8.93 -1.95
CA LYS A 17 19.82 -8.78 -2.80
C LYS A 17 21.11 -9.16 -2.07
N LYS A 18 21.13 -9.10 -0.75
N LYS A 18 21.10 -9.10 -0.74
CA LYS A 18 22.32 -9.49 0.01
CA LYS A 18 22.25 -9.43 0.10
C LYS A 18 22.05 -10.71 0.89
C LYS A 18 22.09 -10.76 0.82
N SER A 19 21.00 -11.46 0.59
CA SER A 19 20.63 -12.66 1.35
C SER A 19 20.52 -12.38 2.85
N LEU A 20 19.90 -11.25 3.21
CA LEU A 20 19.54 -10.96 4.59
C LEU A 20 18.02 -10.97 4.71
N GLU A 21 17.53 -11.51 5.81
CA GLU A 21 16.10 -11.56 6.09
C GLU A 21 15.71 -10.49 7.09
N ASP A 22 14.52 -9.92 6.91
CA ASP A 22 13.99 -9.01 7.91
C ASP A 22 13.41 -9.80 9.08
N LYS A 23 13.06 -9.08 10.15
CA LYS A 23 12.78 -9.74 11.43
C LYS A 23 11.45 -10.49 11.46
N THR A 24 10.54 -10.25 10.50
CA THR A 24 9.23 -10.91 10.56
C THR A 24 8.81 -11.59 9.27
N GLU A 25 9.65 -11.63 8.24
CA GLU A 25 9.23 -12.28 7.00
C GLU A 25 9.00 -13.78 7.20
N ARG A 26 9.68 -14.39 8.16
CA ARG A 26 9.44 -15.80 8.44
C ARG A 26 8.00 -16.05 8.87
N GLU A 27 7.37 -15.11 9.57
CA GLU A 27 5.96 -15.25 9.95
C GLU A 27 5.09 -15.42 8.71
N LEU A 28 5.41 -14.68 7.65
CA LEU A 28 4.66 -14.83 6.40
C LEU A 28 4.90 -16.21 5.82
N LEU A 29 6.16 -16.63 5.73
CA LEU A 29 6.46 -17.93 5.15
C LEU A 29 5.73 -19.04 5.89
N GLU A 30 5.71 -18.99 7.22
CA GLU A 30 5.08 -20.04 8.00
C GLU A 30 3.59 -20.13 7.76
N SER A 31 2.96 -19.04 7.33
CA SER A 31 1.54 -19.06 7.03
C SER A 31 1.24 -19.62 5.65
N TYR A 32 2.24 -19.81 4.81
CA TYR A 32 2.01 -20.27 3.43
C TYR A 32 2.08 -21.79 3.42
N ILE A 33 0.95 -22.42 3.76
CA ILE A 33 0.91 -23.86 4.00
C ILE A 33 0.50 -24.60 2.73
N ILE B 1 -1.14 2.79 11.07
CA ILE B 1 -1.11 1.38 11.39
C ILE B 1 -1.30 1.23 12.89
N VAL B 2 -2.29 0.42 13.29
CA VAL B 2 -2.59 0.17 14.70
C VAL B 2 -1.96 -1.16 15.08
N GLU B 3 -1.26 -1.18 16.21
CA GLU B 3 -0.69 -2.41 16.76
C GLU B 3 0.35 -3.04 15.85
N GLY B 4 1.07 -2.20 15.11
CA GLY B 4 2.22 -2.62 14.35
C GLY B 4 3.52 -2.25 15.03
N SER B 5 4.58 -2.17 14.24
CA SER B 5 5.92 -1.90 14.75
C SER B 5 6.68 -1.03 13.77
N ASP B 6 7.78 -0.43 14.22
CA ASP B 6 8.64 0.34 13.34
C ASP B 6 9.21 -0.56 12.25
N ALA B 7 9.18 -0.07 11.02
CA ALA B 7 9.82 -0.76 9.91
C ALA B 7 11.33 -0.76 10.10
N GLU B 8 11.99 -1.78 9.55
CA GLU B 8 13.44 -1.76 9.40
C GLU B 8 13.83 -0.86 8.23
N ILE B 9 15.07 -0.36 8.28
CA ILE B 9 15.58 0.44 7.16
C ILE B 9 15.58 -0.40 5.90
N GLY B 10 15.03 0.15 4.82
CA GLY B 10 14.96 -0.55 3.55
C GLY B 10 13.99 -1.71 3.51
N MET B 11 13.11 -1.86 4.51
CA MET B 11 12.21 -2.99 4.56
C MET B 11 11.14 -2.95 3.48
N SER B 12 10.73 -1.76 3.07
CA SER B 12 9.63 -1.55 2.15
CA SER B 12 9.63 -1.55 2.13
C SER B 12 10.04 -0.47 1.15
N PRO B 13 11.02 -0.76 0.29
CA PRO B 13 11.61 0.29 -0.53
C PRO B 13 10.70 0.77 -1.66
N TRP B 14 9.58 0.10 -1.85
CA TRP B 14 8.52 0.53 -2.75
C TRP B 14 7.52 1.48 -2.08
N GLN B 15 7.65 1.73 -0.78
CA GLN B 15 6.70 2.61 -0.10
C GLN B 15 6.80 4.01 -0.65
N VAL B 16 5.64 4.62 -0.91
CA VAL B 16 5.56 6.00 -1.38
C VAL B 16 4.64 6.78 -0.46
N MET B 17 5.01 8.01 -0.17
CA MET B 17 4.14 8.95 0.54
C MET B 17 3.55 9.92 -0.46
N LEU B 18 2.22 10.03 -0.49
CA LEU B 18 1.54 11.07 -1.25
C LEU B 18 1.44 12.28 -0.34
N PHE B 19 1.93 13.41 -0.81
CA PHE B 19 2.16 14.59 0.03
C PHE B 19 1.48 15.78 -0.63
N ARG B 20 0.67 16.49 0.15
CA ARG B 20 0.02 17.69 -0.34
C ARG B 20 0.99 18.86 -0.29
N LYS B 21 0.99 19.66 -1.36
CA LYS B 21 1.92 20.78 -1.46
C LYS B 21 1.58 21.90 -0.49
N SER B 22 0.31 22.24 -0.37
CA SER B 22 -0.10 23.36 0.48
C SER B 22 -1.55 23.14 0.90
N PRO B 23 -1.81 22.96 2.21
CA PRO B 23 -0.78 22.89 3.25
C PRO B 23 0.06 21.62 3.15
N GLN B 24 1.32 21.68 3.56
CA GLN B 24 2.21 20.52 3.49
C GLN B 24 1.78 19.48 4.52
N GLU B 25 1.26 18.35 4.04
CA GLU B 25 0.74 17.32 4.93
C GLU B 25 0.69 15.99 4.18
N LEU B 26 0.68 14.90 4.96
CA LEU B 26 0.53 13.58 4.38
C LEU B 26 -0.89 13.43 3.86
N LEU B 27 -1.02 12.92 2.64
CA LEU B 27 -2.33 12.60 2.09
C LEU B 27 -2.64 11.11 2.10
N CYS B 28 -1.66 10.26 1.87
CA CYS B 28 -1.92 8.85 1.66
C CYS B 28 -0.61 8.13 1.52
N GLY B 29 -0.69 6.80 1.59
CA GLY B 29 0.35 5.93 1.09
C GLY B 29 0.15 5.59 -0.37
N ALA B 30 1.12 4.87 -0.91
CA ALA B 30 1.21 4.52 -2.32
C ALA B 30 2.39 3.58 -2.46
N SER B 31 2.59 3.06 -3.66
CA SER B 31 3.68 2.13 -3.93
C SER B 31 4.31 2.37 -5.29
N LEU B 32 5.60 2.06 -5.37
CA LEU B 32 6.37 2.22 -6.60
C LEU B 32 6.34 0.90 -7.36
N ILE B 33 5.85 0.93 -8.60
CA ILE B 33 5.77 -0.27 -9.42
C ILE B 33 6.70 -0.25 -10.62
N SER B 34 7.31 0.90 -10.93
CA SER B 34 8.36 1.00 -11.94
C SER B 34 9.05 2.33 -11.69
N ASP B 35 10.00 2.70 -12.56
CA ASP B 35 10.69 3.97 -12.32
C ASP B 35 9.81 5.19 -12.62
N ARG B 36 8.61 4.99 -13.20
CA ARG B 36 7.77 6.11 -13.59
C ARG B 36 6.33 6.00 -13.11
N TRP B 37 5.94 4.91 -12.45
CA TRP B 37 4.54 4.66 -12.11
C TRP B 37 4.39 4.35 -10.64
N VAL B 38 3.40 4.99 -10.02
CA VAL B 38 3.04 4.81 -8.63
C VAL B 38 1.57 4.38 -8.56
N LEU B 39 1.30 3.39 -7.71
CA LEU B 39 -0.02 2.84 -7.50
C LEU B 39 -0.57 3.31 -6.15
N THR B 40 -1.86 3.67 -6.12
CA THR B 40 -2.50 4.10 -4.88
C THR B 40 -3.99 3.76 -4.95
N ALA B 41 -4.70 4.15 -3.90
CA ALA B 41 -6.16 4.02 -3.86
C ALA B 41 -6.79 5.23 -4.57
N ALA B 42 -7.86 4.97 -5.34
CA ALA B 42 -8.59 6.06 -5.97
C ALA B 42 -9.09 7.07 -4.95
N HIS B 43 -9.53 6.64 -3.77
CA HIS B 43 -10.09 7.57 -2.79
C HIS B 43 -9.05 8.52 -2.22
N CYS B 44 -7.75 8.25 -2.44
CA CYS B 44 -6.70 9.18 -2.07
C CYS B 44 -6.73 10.43 -2.93
N LEU B 45 -7.30 10.32 -4.13
CA LEU B 45 -7.33 11.40 -5.09
C LEU B 45 -8.72 11.96 -5.32
N LEU B 46 -9.75 11.10 -5.26
CA LEU B 46 -11.10 11.50 -5.62
C LEU B 46 -12.05 10.90 -4.60
N TYR B 47 -12.71 11.76 -3.83
CA TYR B 47 -13.72 11.30 -2.88
C TYR B 47 -14.70 12.45 -2.65
N PRO B 48 -15.71 12.58 -3.52
CA PRO B 48 -16.63 13.73 -3.48
C PRO B 48 -17.37 13.89 -2.17
N PRO B 49 -17.70 12.83 -1.44
CA PRO B 49 -18.40 13.05 -0.16
C PRO B 49 -17.64 13.95 0.78
N TRP B 50 -16.31 13.99 0.67
CA TRP B 50 -15.44 14.82 1.49
C TRP B 50 -14.84 15.97 0.71
N ASP B 51 -15.39 16.29 -0.45
CA ASP B 51 -14.91 17.38 -1.30
C ASP B 51 -13.45 17.20 -1.67
N LYS B 52 -13.05 15.95 -1.89
CA LYS B 52 -11.69 15.65 -2.28
C LYS B 52 -11.63 15.38 -3.77
N ASN B 53 -10.84 16.17 -4.49
CA ASN B 53 -10.64 16.00 -5.90
C ASN B 53 -9.36 16.62 -6.33
N PHE B 54 -8.25 15.91 -6.10
CA PHE B 54 -6.94 16.48 -6.35
C PHE B 54 -6.56 16.43 -7.82
N THR B 55 -5.84 17.46 -8.26
CA THR B 55 -5.22 17.48 -9.57
C THR B 55 -3.71 17.23 -9.42
N GLU B 56 -3.04 17.01 -10.55
CA GLU B 56 -1.62 16.66 -10.51
C GLU B 56 -0.80 17.70 -9.76
N ASN B 57 -1.06 18.98 -9.99
CA ASN B 57 -0.22 20.02 -9.43
C ASN B 57 -0.44 20.24 -7.95
N ASP B 58 -1.46 19.59 -7.37
CA ASP B 58 -1.70 19.71 -5.95
C ASP B 58 -0.75 18.87 -5.11
N LEU B 59 -0.03 17.93 -5.74
CA LEU B 59 0.53 16.78 -5.05
C LEU B 59 2.00 16.58 -5.38
N LEU B 60 2.70 15.95 -4.45
CA LEU B 60 4.04 15.40 -4.67
C LEU B 60 4.05 13.96 -4.18
N VAL B 61 4.98 13.18 -4.70
CA VAL B 61 5.27 11.87 -4.16
C VAL B 61 6.68 11.87 -3.58
N ARG B 62 6.80 11.28 -2.40
CA ARG B 62 8.06 11.21 -1.68
C ARG B 62 8.40 9.73 -1.54
N ILE B 63 9.56 9.34 -2.07
CA ILE B 63 9.94 7.95 -2.23
C ILE B 63 11.23 7.73 -1.46
N GLY B 64 11.37 6.55 -0.86
CA GLY B 64 12.56 6.25 -0.09
C GLY B 64 12.50 6.65 1.35
N LYS B 65 11.32 7.01 1.86
CA LYS B 65 11.20 7.57 3.20
C LYS B 65 11.12 6.51 4.28
N HIS B 66 11.50 6.93 5.49
CA HIS B 66 11.36 6.14 6.69
C HIS B 66 10.69 7.00 7.75
N SER B 67 11.34 8.10 8.12
CA SER B 67 10.70 9.09 8.99
C SER B 67 9.43 9.66 8.34
N ARG B 68 8.40 9.84 9.16
CA ARG B 68 7.17 10.45 8.67
C ARG B 68 7.38 11.92 8.31
N THR B 69 7.92 12.70 9.25
CA THR B 69 7.86 14.15 9.13
C THR B 69 9.16 14.80 8.66
N ARG B 70 10.29 14.10 8.77
N ARG B 70 10.29 14.14 8.76
CA ARG B 70 11.60 14.67 8.44
CA ARG B 70 11.53 14.84 8.49
C ARG B 70 11.78 14.76 6.93
C ARG B 70 11.89 14.73 7.01
N TYR B 71 12.57 15.75 6.50
CA TYR B 71 13.10 15.75 5.14
C TYR B 71 14.38 14.93 5.15
N GLU B 72 14.33 13.73 4.55
CA GLU B 72 15.40 12.75 4.68
C GLU B 72 16.42 12.99 3.58
N ARG B 73 17.21 14.03 3.80
CA ARG B 73 18.21 14.50 2.87
C ARG B 73 19.14 13.36 2.46
N ASN B 74 19.40 13.28 1.16
CA ASN B 74 20.30 12.30 0.52
C ASN B 74 19.72 10.88 0.49
N ILE B 75 18.48 10.70 0.90
CA ILE B 75 17.85 9.38 0.95
C ILE B 75 16.53 9.42 0.19
N GLU B 76 15.60 10.24 0.64
CA GLU B 76 14.33 10.32 -0.07
C GLU B 76 14.50 11.10 -1.36
N LYS B 77 13.60 10.83 -2.31
CA LYS B 77 13.51 11.56 -3.56
C LYS B 77 12.07 12.01 -3.73
N ILE B 78 11.91 13.23 -4.21
CA ILE B 78 10.61 13.87 -4.34
C ILE B 78 10.33 14.08 -5.82
N SER B 79 9.17 13.60 -6.26
CA SER B 79 8.81 13.62 -7.67
C SER B 79 7.48 14.36 -7.87
N MET B 80 7.39 15.07 -8.99
CA MET B 80 6.14 15.68 -9.42
C MET B 80 5.35 14.71 -10.30
N LEU B 81 4.04 14.95 -10.36
CA LEU B 81 3.14 14.08 -11.11
C LEU B 81 2.93 14.64 -12.50
N GLU B 82 3.06 13.77 -13.51
CA GLU B 82 2.64 14.11 -14.85
C GLU B 82 1.14 13.95 -15.05
N LYS B 83 0.58 12.84 -14.56
CA LYS B 83 -0.82 12.57 -14.82
C LYS B 83 -1.35 11.54 -13.83
N ILE B 84 -2.59 11.74 -13.41
CA ILE B 84 -3.37 10.81 -12.59
C ILE B 84 -4.35 10.05 -13.47
N TYR B 85 -4.50 8.75 -13.20
CA TYR B 85 -5.47 7.90 -13.87
C TYR B 85 -6.26 7.15 -12.81
N ILE B 86 -7.56 7.38 -12.76
CA ILE B 86 -8.46 6.74 -11.80
C ILE B 86 -9.26 5.68 -12.53
N HIS B 87 -9.49 4.55 -11.89
CA HIS B 87 -10.27 3.53 -12.57
C HIS B 87 -11.62 4.10 -13.01
N PRO B 88 -12.04 3.87 -14.26
CA PRO B 88 -13.29 4.49 -14.73
C PRO B 88 -14.54 3.99 -14.05
N ARG B 89 -14.49 2.84 -13.37
CA ARG B 89 -15.64 2.30 -12.66
C ARG B 89 -15.43 2.32 -11.15
N TYR B 90 -14.48 3.12 -10.68
CA TYR B 90 -14.33 3.36 -9.25
C TYR B 90 -15.64 3.85 -8.67
N ASN B 91 -16.11 3.16 -7.63
CA ASN B 91 -17.41 3.45 -7.02
C ASN B 91 -17.21 4.20 -5.71
N TRP B 92 -17.07 5.52 -5.80
CA TRP B 92 -16.99 6.35 -4.60
C TRP B 92 -18.35 6.59 -3.97
N ARG B 93 -19.43 6.30 -4.70
N ARG B 93 -19.43 6.31 -4.71
CA ARG B 93 -20.77 6.59 -4.19
CA ARG B 93 -20.77 6.59 -4.19
C ARG B 93 -21.23 5.61 -3.13
C ARG B 93 -21.15 5.63 -3.08
N GLU B 94 -20.78 4.35 -3.20
CA GLU B 94 -21.32 3.29 -2.35
C GLU B 94 -20.26 2.66 -1.48
N ASN B 95 -19.34 1.86 -2.05
CA ASN B 95 -18.54 0.93 -1.28
C ASN B 95 -17.07 0.92 -1.67
N LEU B 96 -16.60 1.91 -2.43
CA LEU B 96 -15.20 1.97 -2.87
C LEU B 96 -14.84 0.79 -3.77
N ASP B 97 -15.80 0.22 -4.48
CA ASP B 97 -15.47 -0.81 -5.45
C ASP B 97 -14.46 -0.25 -6.46
N ARG B 98 -13.45 -1.07 -6.78
CA ARG B 98 -12.41 -0.71 -7.75
C ARG B 98 -11.63 0.52 -7.29
N ASP B 99 -11.17 0.47 -6.05
CA ASP B 99 -10.49 1.61 -5.40
C ASP B 99 -9.01 1.58 -5.79
N ILE B 100 -8.73 2.09 -6.99
CA ILE B 100 -7.39 1.97 -7.57
C ILE B 100 -7.12 3.16 -8.47
N ALA B 101 -5.89 3.64 -8.43
CA ALA B 101 -5.47 4.75 -9.26
C ALA B 101 -3.96 4.63 -9.52
N LEU B 102 -3.54 5.17 -10.65
CA LEU B 102 -2.15 5.22 -11.03
C LEU B 102 -1.72 6.68 -11.18
N MET B 103 -0.46 6.94 -10.88
CA MET B 103 0.15 8.24 -11.07
C MET B 103 1.44 8.06 -11.86
N LYS B 104 1.57 8.77 -12.96
CA LYS B 104 2.79 8.77 -13.76
C LYS B 104 3.66 9.93 -13.32
N LEU B 105 4.93 9.64 -13.03
CA LEU B 105 5.85 10.68 -12.60
C LEU B 105 6.35 11.49 -13.78
N LYS B 106 6.68 12.76 -13.52
CA LYS B 106 7.19 13.63 -14.59
C LYS B 106 8.53 13.13 -15.12
N LYS B 107 9.35 12.55 -14.24
CA LYS B 107 10.67 12.06 -14.61
C LYS B 107 10.90 10.75 -13.89
N PRO B 108 11.72 9.86 -14.43
CA PRO B 108 11.98 8.59 -13.74
C PRO B 108 12.71 8.83 -12.43
N VAL B 109 12.40 8.03 -11.43
CA VAL B 109 13.12 8.10 -10.16
C VAL B 109 14.29 7.12 -10.20
N ALA B 110 15.41 7.53 -9.62
CA ALA B 110 16.58 6.68 -9.52
C ALA B 110 16.41 5.66 -8.39
N PHE B 111 16.60 4.38 -8.72
CA PHE B 111 16.56 3.36 -7.67
C PHE B 111 17.80 3.45 -6.80
N SER B 112 17.69 2.94 -5.57
CA SER B 112 18.77 3.00 -4.58
C SER B 112 18.53 1.90 -3.56
N ASP B 113 19.34 1.87 -2.50
CA ASP B 113 19.08 0.93 -1.41
C ASP B 113 17.70 1.13 -0.79
N TYR B 114 17.14 2.34 -0.92
CA TYR B 114 15.92 2.73 -0.23
C TYR B 114 14.73 2.83 -1.16
N ILE B 115 14.94 2.72 -2.47
CA ILE B 115 13.95 2.99 -3.50
C ILE B 115 14.01 1.85 -4.50
N HIS B 116 12.95 1.06 -4.59
CA HIS B 116 12.98 -0.12 -5.45
C HIS B 116 11.55 -0.57 -5.68
N PRO B 117 11.19 -1.01 -6.88
CA PRO B 117 9.78 -1.35 -7.15
C PRO B 117 9.37 -2.72 -6.64
N VAL B 118 8.08 -2.82 -6.31
CA VAL B 118 7.43 -4.08 -5.95
C VAL B 118 6.90 -4.72 -7.22
N CYS B 119 6.76 -6.05 -7.23
CA CYS B 119 6.14 -6.74 -8.35
C CYS B 119 4.63 -6.70 -8.23
N LEU B 120 3.96 -6.74 -9.38
CA LEU B 120 2.52 -6.99 -9.40
C LEU B 120 2.26 -8.44 -9.72
N PRO B 121 1.26 -9.05 -9.09
CA PRO B 121 1.06 -10.49 -9.26
C PRO B 121 0.54 -10.86 -10.63
N ASP B 122 0.96 -12.05 -11.07
N ASP B 122 0.91 -12.04 -11.10
CA ASP B 122 0.36 -12.82 -12.15
CA ASP B 122 0.18 -12.61 -12.21
C ASP B 122 -0.86 -13.59 -11.64
C ASP B 122 -0.87 -13.57 -11.66
N ARG B 123 -1.62 -14.19 -12.57
CA ARG B 123 -2.78 -14.98 -12.16
C ARG B 123 -2.38 -16.11 -11.23
N GLU B 124 -1.25 -16.75 -11.52
CA GLU B 124 -0.85 -17.94 -10.76
C GLU B 124 -0.35 -17.56 -9.37
N THR B 125 0.45 -16.50 -9.26
N THR B 125 0.44 -16.50 -9.27
CA THR B 125 0.88 -16.08 -7.94
CA THR B 125 0.89 -16.08 -7.95
C THR B 125 -0.32 -15.68 -7.09
C THR B 125 -0.27 -15.60 -7.09
N ALA B 126 -1.27 -14.97 -7.69
CA ALA B 126 -2.46 -14.57 -6.93
C ALA B 126 -3.25 -15.79 -6.48
N ALA B 127 -3.46 -16.76 -7.36
CA ALA B 127 -4.24 -17.94 -7.00
C ALA B 127 -3.54 -18.70 -5.89
N SER B 128 -2.22 -18.81 -5.96
N SER B 128 -2.21 -18.77 -5.93
CA SER B 128 -1.49 -19.55 -4.93
CA SER B 128 -1.44 -19.55 -4.98
C SER B 128 -1.56 -18.86 -3.58
C SER B 128 -1.27 -18.86 -3.63
N LEU B 129 -1.40 -17.54 -3.56
CA LEU B 129 -1.16 -16.83 -2.31
C LEU B 129 -2.38 -16.20 -1.68
N LEU B 130 -3.43 -15.88 -2.45
CA LEU B 130 -4.60 -15.20 -1.92
C LEU B 130 -5.57 -16.23 -1.34
N GLN B 131 -5.17 -16.77 -0.20
CA GLN B 131 -5.88 -17.84 0.45
C GLN B 131 -6.06 -17.48 1.91
N ALA B 132 -7.22 -17.84 2.47
CA ALA B 132 -7.49 -17.56 3.87
C ALA B 132 -6.39 -18.16 4.74
N GLY B 133 -5.92 -17.37 5.70
CA GLY B 133 -4.87 -17.76 6.61
C GLY B 133 -3.49 -17.31 6.19
N TYR B 134 -3.28 -17.15 4.89
CA TYR B 134 -1.98 -16.70 4.40
C TYR B 134 -1.79 -15.24 4.78
N LYS B 135 -0.61 -14.89 5.26
CA LYS B 135 -0.37 -13.54 5.76
C LYS B 135 0.30 -12.65 4.72
N GLY B 136 -0.13 -11.39 4.70
CA GLY B 136 0.57 -10.34 4.01
C GLY B 136 1.00 -9.27 4.99
N ARG B 137 1.61 -8.23 4.43
CA ARG B 137 2.24 -7.18 5.21
C ARG B 137 1.74 -5.83 4.72
N VAL B 138 1.31 -5.00 5.66
CA VAL B 138 0.79 -3.68 5.36
C VAL B 138 1.67 -2.65 6.04
N THR B 139 1.91 -1.54 5.35
CA THR B 139 2.83 -0.51 5.82
C THR B 139 2.23 0.88 5.62
N GLY B 140 2.55 1.78 6.54
CA GLY B 140 2.09 3.15 6.37
C GLY B 140 2.47 4.05 7.52
N TRP B 141 2.20 5.34 7.30
CA TRP B 141 2.46 6.40 8.26
C TRP B 141 1.18 6.93 8.87
N GLY B 142 0.08 6.21 8.73
CA GLY B 142 -1.20 6.65 9.23
C GLY B 142 -1.34 6.49 10.73
N ASN B 143 -2.56 6.74 11.20
CA ASN B 143 -2.84 6.83 12.62
C ASN B 143 -2.48 5.53 13.35
N LEU B 144 -1.94 5.69 14.55
CA LEU B 144 -1.60 4.58 15.43
C LEU B 144 -2.79 4.08 16.20
N LYS B 145 -3.88 4.84 16.25
CA LYS B 145 -5.08 4.45 16.97
C LYS B 145 -6.29 5.00 16.22
N GLU B 146 -7.43 4.34 16.42
CA GLU B 146 -8.65 4.83 15.80
C GLU B 146 -8.94 6.25 16.21
N THR B 147 -8.78 6.57 17.49
CA THR B 147 -9.17 7.87 18.00
C THR B 147 -7.96 8.63 18.55
N GLY B 155 -0.84 8.77 18.59
CA GLY B 155 -1.35 9.60 17.52
C GLY B 155 -0.82 9.19 16.15
N GLN B 156 0.26 9.86 15.73
CA GLN B 156 0.91 9.60 14.46
C GLN B 156 2.36 9.15 14.70
N PRO B 157 2.88 8.27 13.86
CA PRO B 157 4.20 7.67 14.14
C PRO B 157 5.38 8.52 13.74
N SER B 158 6.51 8.29 14.43
CA SER B 158 7.77 8.92 14.01
C SER B 158 8.28 8.33 12.70
N VAL B 159 8.16 7.01 12.52
CA VAL B 159 8.68 6.33 11.34
C VAL B 159 7.65 5.35 10.80
N LEU B 160 7.90 4.89 9.58
CA LEU B 160 7.02 3.95 8.90
C LEU B 160 6.69 2.75 9.80
N GLN B 161 5.41 2.38 9.83
CA GLN B 161 4.93 1.26 10.61
C GLN B 161 4.60 0.08 9.70
N VAL B 162 4.70 -1.12 10.27
CA VAL B 162 4.51 -2.38 9.55
C VAL B 162 3.68 -3.33 10.44
N VAL B 163 2.77 -4.06 9.80
CA VAL B 163 2.07 -5.15 10.49
C VAL B 163 1.79 -6.27 9.49
N ASN B 164 1.94 -7.51 9.95
CA ASN B 164 1.62 -8.70 9.17
C ASN B 164 0.23 -9.17 9.59
N LEU B 165 -0.63 -9.49 8.62
CA LEU B 165 -2.03 -9.83 8.90
C LEU B 165 -2.49 -10.95 7.99
N PRO B 166 -3.30 -11.89 8.51
CA PRO B 166 -3.81 -12.99 7.68
C PRO B 166 -5.02 -12.59 6.83
N ILE B 167 -5.04 -13.10 5.60
CA ILE B 167 -6.23 -13.01 4.77
C ILE B 167 -7.36 -13.79 5.41
N VAL B 168 -8.58 -13.24 5.32
CA VAL B 168 -9.75 -13.83 5.97
C VAL B 168 -10.68 -14.42 4.92
N GLU B 169 -11.37 -15.49 5.30
CA GLU B 169 -12.35 -16.14 4.44
C GLU B 169 -13.43 -15.16 4.01
N ARG B 170 -13.82 -15.23 2.75
N ARG B 170 -13.82 -15.23 2.75
CA ARG B 170 -14.77 -14.26 2.23
CA ARG B 170 -14.78 -14.25 2.22
C ARG B 170 -16.09 -14.22 2.99
C ARG B 170 -16.09 -14.22 3.00
N PRO B 171 -16.68 -15.33 3.42
CA PRO B 171 -17.93 -15.24 4.20
C PRO B 171 -17.75 -14.50 5.51
N VAL B 172 -16.58 -14.64 6.15
CA VAL B 172 -16.32 -13.92 7.38
C VAL B 172 -16.19 -12.43 7.10
N CYS B 173 -15.50 -12.07 6.02
CA CYS B 173 -15.45 -10.67 5.61
C CYS B 173 -16.86 -10.12 5.42
N LYS B 174 -17.70 -10.83 4.66
N LYS B 174 -17.68 -10.83 4.63
CA LYS B 174 -19.02 -10.33 4.33
CA LYS B 174 -19.03 -10.37 4.33
C LYS B 174 -19.90 -10.21 5.58
C LYS B 174 -19.86 -10.19 5.60
N ASP B 175 -19.76 -11.15 6.51
CA ASP B 175 -20.57 -11.16 7.73
C ASP B 175 -20.11 -10.17 8.77
N SER B 176 -19.00 -9.47 8.53
CA SER B 176 -18.44 -8.52 9.48
C SER B 176 -18.94 -7.10 9.26
N THR B 177 -19.74 -6.87 8.22
CA THR B 177 -20.06 -5.52 7.80
C THR B 177 -21.42 -5.52 7.12
N ARG B 178 -22.05 -4.35 7.09
CA ARG B 178 -23.24 -4.13 6.28
C ARG B 178 -22.91 -3.61 4.89
N ILE B 179 -21.66 -3.20 4.67
CA ILE B 179 -21.26 -2.70 3.37
C ILE B 179 -21.19 -3.86 2.38
N ARG B 180 -21.60 -3.61 1.15
CA ARG B 180 -21.59 -4.64 0.11
C ARG B 180 -20.15 -4.90 -0.35
N ILE B 181 -19.69 -6.11 -0.18
CA ILE B 181 -18.35 -6.52 -0.57
C ILE B 181 -18.41 -7.01 -2.01
N THR B 182 -17.32 -6.83 -2.75
CA THR B 182 -17.23 -7.31 -4.12
C THR B 182 -15.97 -8.13 -4.32
N ASP B 183 -15.90 -8.80 -5.48
CA ASP B 183 -14.74 -9.60 -5.84
C ASP B 183 -13.50 -8.73 -6.06
N ASN B 184 -13.65 -7.42 -6.16
CA ASN B 184 -12.53 -6.50 -6.29
C ASN B 184 -11.94 -6.10 -4.94
N MET B 185 -12.37 -6.75 -3.87
CA MET B 185 -11.90 -6.51 -2.51
C MET B 185 -11.53 -7.85 -1.87
N PHE B 186 -10.60 -7.81 -0.94
CA PHE B 186 -10.45 -8.89 0.02
C PHE B 186 -10.27 -8.27 1.40
N CYS B 187 -10.43 -9.07 2.45
CA CYS B 187 -10.21 -8.54 3.80
C CYS B 187 -9.16 -9.35 4.53
N ALA B 188 -8.55 -8.71 5.53
CA ALA B 188 -7.46 -9.29 6.27
C ALA B 188 -7.47 -8.75 7.69
N GLY B 189 -6.94 -9.54 8.60
CA GLY B 189 -6.88 -9.18 10.01
C GLY B 189 -7.13 -10.41 10.86
N TYR B 190 -6.80 -10.29 12.13
CA TYR B 190 -7.02 -11.38 13.07
C TYR B 190 -8.46 -11.37 13.57
N LYS B 191 -8.95 -12.56 13.91
CA LYS B 191 -10.27 -12.71 14.51
C LYS B 191 -10.16 -12.49 16.00
N PRO B 192 -11.27 -12.15 16.67
CA PRO B 192 -11.19 -11.92 18.12
C PRO B 192 -10.55 -13.08 18.88
N ASP B 193 -10.86 -14.33 18.52
CA ASP B 193 -10.34 -15.47 19.25
C ASP B 193 -8.88 -15.78 18.91
N GLU B 194 -8.28 -15.08 17.95
CA GLU B 194 -6.88 -15.32 17.60
C GLU B 194 -5.90 -14.53 18.48
N GLY B 195 -6.38 -13.61 19.30
CA GLY B 195 -5.50 -12.92 20.24
C GLY B 195 -4.72 -11.75 19.65
N LYS B 196 -3.93 -12.02 18.61
CA LYS B 196 -3.11 -11.00 17.99
C LYS B 196 -4.00 -9.94 17.34
N ARG B 197 -3.41 -8.78 17.09
CA ARG B 197 -4.17 -7.61 16.65
C ARG B 197 -3.44 -6.93 15.50
N GLY B 198 -4.03 -5.86 15.00
CA GLY B 198 -3.38 -5.02 14.00
C GLY B 198 -4.31 -4.68 12.86
N ASP B 199 -4.13 -3.49 12.30
CA ASP B 199 -4.95 -3.03 11.19
C ASP B 199 -4.29 -1.79 10.59
N ALA B 200 -4.61 -1.53 9.33
CA ALA B 200 -4.37 -0.19 8.81
C ALA B 200 -5.43 0.76 9.33
N CYS B 201 -5.19 2.06 9.14
CA CYS B 201 -6.09 3.06 9.70
C CYS B 201 -6.07 4.29 8.79
N GLU B 202 -6.83 5.32 9.16
CA GLU B 202 -6.81 6.54 8.37
C GLU B 202 -5.38 7.05 8.24
N GLY B 203 -5.02 7.50 7.03
CA GLY B 203 -3.67 7.87 6.70
C GLY B 203 -2.87 6.78 6.03
N ASP B 204 -3.26 5.52 6.20
CA ASP B 204 -2.60 4.40 5.55
C ASP B 204 -3.20 4.10 4.18
N SER B 205 -4.35 4.71 3.86
CA SER B 205 -5.00 4.59 2.58
C SER B 205 -3.99 4.61 1.45
N GLY B 206 -4.17 3.70 0.48
CA GLY B 206 -3.37 3.72 -0.70
C GLY B 206 -2.07 2.96 -0.61
N GLY B 207 -1.65 2.58 0.60
CA GLY B 207 -0.42 1.84 0.75
C GLY B 207 -0.61 0.38 0.44
N PRO B 208 0.51 -0.33 0.36
CA PRO B 208 0.48 -1.70 -0.16
C PRO B 208 0.27 -2.76 0.91
N PHE B 209 -0.41 -3.84 0.49
CA PHE B 209 -0.48 -5.13 1.18
C PHE B 209 0.33 -6.08 0.32
N VAL B 210 1.48 -6.53 0.84
CA VAL B 210 2.44 -7.31 0.07
C VAL B 210 2.60 -8.71 0.66
N MET B 211 3.04 -9.64 -0.19
CA MET B 211 3.29 -11.02 0.17
C MET B 211 4.61 -11.44 -0.47
N LYS B 212 5.41 -12.24 0.22
CA LYS B 212 6.69 -12.69 -0.32
C LYS B 212 6.48 -14.09 -0.89
N SER B 213 6.54 -14.21 -2.20
CA SER B 213 6.30 -15.52 -2.79
C SER B 213 7.32 -16.53 -2.30
N PRO B 214 6.88 -17.70 -1.79
CA PRO B 214 7.83 -18.74 -1.40
C PRO B 214 8.37 -19.52 -2.60
N PHE B 215 7.86 -19.24 -3.79
CA PHE B 215 8.32 -19.93 -5.00
C PHE B 215 9.54 -19.25 -5.59
N ASN B 216 9.56 -17.91 -5.60
CA ASN B 216 10.66 -17.18 -6.21
C ASN B 216 11.27 -16.13 -5.30
N ASN B 217 10.81 -16.04 -4.05
CA ASN B 217 11.40 -15.17 -3.03
C ASN B 217 11.32 -13.68 -3.40
N ARG B 218 10.32 -13.29 -4.18
CA ARG B 218 10.06 -11.90 -4.52
C ARG B 218 8.78 -11.40 -3.84
N TRP B 219 8.77 -10.12 -3.54
CA TRP B 219 7.60 -9.45 -2.99
C TRP B 219 6.64 -9.00 -4.08
N TYR B 220 5.37 -9.32 -3.87
CA TYR B 220 4.27 -8.99 -4.74
C TYR B 220 3.25 -8.15 -3.98
N GLN B 221 2.70 -7.13 -4.65
CA GLN B 221 1.64 -6.32 -4.06
C GLN B 221 0.29 -6.91 -4.44
N MET B 222 -0.36 -7.53 -3.46
CA MET B 222 -1.66 -8.16 -3.67
C MET B 222 -2.82 -7.22 -3.39
N GLY B 223 -2.62 -6.21 -2.54
CA GLY B 223 -3.71 -5.34 -2.14
C GLY B 223 -3.28 -3.91 -2.00
N ILE B 224 -4.27 -3.03 -1.90
CA ILE B 224 -4.12 -1.62 -1.59
C ILE B 224 -5.02 -1.33 -0.40
N VAL B 225 -4.50 -0.62 0.62
CA VAL B 225 -5.34 -0.21 1.74
C VAL B 225 -6.51 0.60 1.22
N SER B 226 -7.72 0.09 1.45
CA SER B 226 -8.93 0.73 0.96
C SER B 226 -9.83 1.26 2.08
N TRP B 227 -10.35 0.39 2.95
CA TRP B 227 -11.32 0.87 3.93
C TRP B 227 -11.42 -0.06 5.14
N GLY B 228 -11.98 0.50 6.21
CA GLY B 228 -12.34 -0.25 7.39
C GLY B 228 -13.28 0.60 8.21
N GLU B 229 -14.00 -0.05 9.12
CA GLU B 229 -14.97 0.62 9.97
C GLU B 229 -14.36 0.76 11.37
N GLY B 230 -13.90 1.96 11.68
CA GLY B 230 -12.97 2.13 12.78
C GLY B 230 -11.62 1.56 12.38
N CYS B 231 -10.77 1.35 13.39
CA CYS B 231 -9.49 0.69 13.16
C CYS B 231 -9.23 -0.32 14.25
N ASP B 232 -8.79 -1.52 13.85
CA ASP B 232 -8.42 -2.58 14.77
C ASP B 232 -9.54 -2.95 15.74
N ARG B 233 -10.80 -2.87 15.32
CA ARG B 233 -11.89 -3.28 16.19
C ARG B 233 -12.06 -4.79 16.16
N ASP B 234 -12.39 -5.35 17.32
CA ASP B 234 -12.71 -6.77 17.37
C ASP B 234 -13.90 -7.06 16.45
N GLY B 235 -13.75 -8.08 15.62
CA GLY B 235 -14.82 -8.48 14.74
C GLY B 235 -14.92 -7.70 13.45
N LYS B 236 -14.07 -6.70 13.27
CA LYS B 236 -13.98 -5.97 12.01
C LYS B 236 -12.67 -6.35 11.34
N TYR B 237 -12.58 -6.09 10.03
CA TYR B 237 -11.41 -6.42 9.24
C TYR B 237 -11.06 -5.24 8.36
N GLY B 238 -9.82 -5.22 7.88
CA GLY B 238 -9.42 -4.25 6.89
C GLY B 238 -9.74 -4.77 5.50
N PHE B 239 -10.22 -3.88 4.65
CA PHE B 239 -10.55 -4.20 3.27
C PHE B 239 -9.54 -3.58 2.31
N TYR B 240 -9.12 -4.38 1.33
CA TYR B 240 -8.02 -4.07 0.43
C TYR B 240 -8.49 -4.26 -1.00
N THR B 241 -8.08 -3.33 -1.87
CA THR B 241 -8.32 -3.51 -3.30
C THR B 241 -7.57 -4.73 -3.80
N HIS B 242 -8.25 -5.55 -4.59
CA HIS B 242 -7.69 -6.80 -5.13
C HIS B 242 -6.91 -6.44 -6.39
N VAL B 243 -5.59 -6.29 -6.25
CA VAL B 243 -4.76 -5.76 -7.34
C VAL B 243 -4.84 -6.65 -8.58
N PHE B 244 -4.72 -7.96 -8.39
CA PHE B 244 -4.73 -8.83 -9.57
C PHE B 244 -6.03 -8.69 -10.36
N ARG B 245 -7.16 -8.61 -9.67
CA ARG B 245 -8.44 -8.52 -10.36
C ARG B 245 -8.54 -7.27 -11.23
N LEU B 246 -7.77 -6.24 -10.93
CA LEU B 246 -7.78 -4.98 -11.67
C LEU B 246 -6.53 -4.80 -12.51
N LYS B 247 -5.74 -5.86 -12.68
CA LYS B 247 -4.47 -5.72 -13.36
C LYS B 247 -4.64 -5.45 -14.85
N LYS B 248 -5.71 -5.94 -15.47
CA LYS B 248 -5.91 -5.64 -16.89
C LYS B 248 -6.05 -4.14 -17.11
N TRP B 249 -6.71 -3.44 -16.17
CA TRP B 249 -6.78 -1.99 -16.28
C TRP B 249 -5.41 -1.34 -16.08
N ILE B 250 -4.66 -1.79 -15.07
CA ILE B 250 -3.32 -1.29 -14.85
C ILE B 250 -2.50 -1.39 -16.13
N GLN B 251 -2.50 -2.58 -16.74
CA GLN B 251 -1.71 -2.82 -17.94
C GLN B 251 -2.19 -1.95 -19.09
N LYS B 252 -3.50 -1.76 -19.22
CA LYS B 252 -4.04 -0.92 -20.29
C LYS B 252 -3.55 0.51 -20.16
N VAL B 253 -3.55 1.05 -18.94
CA VAL B 253 -3.09 2.42 -18.72
C VAL B 253 -1.61 2.55 -19.03
N ILE B 254 -0.80 1.64 -18.50
CA ILE B 254 0.64 1.74 -18.72
C ILE B 254 0.98 1.53 -20.19
N ASP B 255 0.30 0.60 -20.86
CA ASP B 255 0.56 0.36 -22.27
C ASP B 255 0.18 1.56 -23.13
N GLN B 256 -0.91 2.24 -22.77
CA GLN B 256 -1.43 3.34 -23.57
C GLN B 256 -0.66 4.63 -23.30
N PHE B 257 -0.27 4.88 -22.05
CA PHE B 257 0.26 6.17 -21.64
C PHE B 257 1.72 6.12 -21.22
N GLY B 258 2.34 4.95 -21.22
CA GLY B 258 3.74 4.84 -20.89
C GLY B 258 4.63 5.42 -21.98
N ASP C 1 3.75 18.44 12.71
CA ASP C 1 4.05 19.19 11.49
C ASP C 1 5.28 18.61 10.79
N PHE C 2 5.42 18.96 9.53
CA PHE C 2 6.43 18.38 8.65
C PHE C 2 7.58 19.35 8.44
N GLU C 3 8.79 18.81 8.41
N GLU C 3 8.79 18.81 8.40
CA GLU C 3 9.95 19.63 8.07
CA GLU C 3 9.95 19.62 8.05
C GLU C 3 9.78 20.16 6.65
C GLU C 3 9.77 20.16 6.64
N GLU C 4 10.14 21.43 6.46
CA GLU C 4 10.03 22.03 5.13
C GLU C 4 10.87 21.22 4.14
N ILE C 5 10.36 21.09 2.93
CA ILE C 5 11.10 20.42 1.86
C ILE C 5 11.76 21.48 0.99
N PRO C 6 12.84 21.14 0.27
CA PRO C 6 13.51 22.12 -0.59
C PRO C 6 12.53 22.81 -1.53
N GLU C 7 12.76 24.11 -1.73
CA GLU C 7 11.84 24.92 -2.53
C GLU C 7 11.78 24.44 -3.98
N GLU C 8 12.84 23.81 -4.47
CA GLU C 8 12.87 23.33 -5.86
C GLU C 8 11.69 22.41 -6.17
N LEU C 10 8.81 22.82 -4.98
CA LEU C 10 7.63 23.67 -4.80
C LEU C 10 6.79 23.21 -3.61
#